data_2RIB
#
_entry.id   2RIB
#
_cell.length_a   55.200
_cell.length_b   107.441
_cell.length_c   55.506
_cell.angle_alpha   90.000
_cell.angle_beta   91.510
_cell.angle_gamma   90.000
#
_symmetry.space_group_name_H-M   'P 1 21 1'
#
loop_
_entity.id
_entity.type
_entity.pdbx_description
1 polymer 'Pulmonary surfactant-associated protein D'
2 non-polymer 'CALCIUM ION'
3 non-polymer L-glycero-alpha-D-manno-heptopyranose
4 water water
#
_entity_poly.entity_id   1
_entity_poly.type   'polypeptide(L)'
_entity_poly.pdbx_seq_one_letter_code
;AMADIGSDVASLRQQVEALQGQVQHLQAAFSQYKKVELFPNGQSVGEKIFKTAGFVKPFTEAQLLCTQAGGQLASPRSAA
ENAALQQLVVAKNEAAFLSMTDSKTEGKFTYPTGESLVYSNWAPGEPNDDGGSEDCVEIFTNGKWNDRACGEKRLVVCEF
;
_entity_poly.pdbx_strand_id   A,B,C
#
# COMPACT_ATOMS: atom_id res chain seq x y z
N SER A 11 12.87 -5.95 40.43
CA SER A 11 12.81 -6.46 39.03
C SER A 11 11.85 -5.62 38.20
N LEU A 12 11.12 -4.73 38.86
CA LEU A 12 10.17 -3.86 38.17
C LEU A 12 10.93 -2.93 37.24
N ARG A 13 12.07 -2.45 37.70
CA ARG A 13 12.90 -1.54 36.91
C ARG A 13 13.44 -2.30 35.70
N GLN A 14 13.75 -3.58 35.91
CA GLN A 14 14.26 -4.44 34.85
C GLN A 14 13.22 -4.62 33.76
N GLN A 15 11.97 -4.85 34.16
CA GLN A 15 10.88 -5.04 33.20
C GLN A 15 10.69 -3.77 32.38
N VAL A 16 10.70 -2.62 33.05
CA VAL A 16 10.54 -1.34 32.37
C VAL A 16 11.65 -1.18 31.35
N GLU A 17 12.86 -1.60 31.74
CA GLU A 17 14.02 -1.51 30.86
C GLU A 17 13.81 -2.41 29.64
N ALA A 18 13.32 -3.62 29.89
CA ALA A 18 13.08 -4.59 28.84
C ALA A 18 11.93 -4.18 27.93
N LEU A 19 10.82 -3.76 28.53
CA LEU A 19 9.66 -3.35 27.77
C LEU A 19 9.96 -2.13 26.92
N GLN A 20 10.85 -1.26 27.40
CA GLN A 20 11.18 -0.06 26.64
C GLN A 20 12.06 -0.44 25.46
N GLY A 21 12.83 -1.51 25.61
CA GLY A 21 13.67 -1.96 24.51
C GLY A 21 12.76 -2.47 23.40
N GLN A 22 11.75 -3.23 23.80
CA GLN A 22 10.78 -3.78 22.84
C GLN A 22 9.97 -2.68 22.18
N VAL A 23 9.61 -1.66 22.95
CA VAL A 23 8.83 -0.56 22.41
C VAL A 23 9.66 0.27 21.43
N GLN A 24 10.92 0.51 21.77
CA GLN A 24 11.75 1.29 20.86
C GLN A 24 12.07 0.48 19.61
N HIS A 25 12.10 -0.84 19.74
CA HIS A 25 12.35 -1.69 18.57
C HIS A 25 11.08 -1.63 17.72
N LEU A 26 9.93 -1.62 18.39
CA LEU A 26 8.65 -1.54 17.70
C LEU A 26 8.55 -0.20 16.99
N GLN A 27 9.01 0.86 17.63
CA GLN A 27 8.98 2.19 17.04
C GLN A 27 9.83 2.23 15.78
N ALA A 28 10.98 1.57 15.83
CA ALA A 28 11.89 1.53 14.69
C ALA A 28 11.24 0.79 13.53
N ALA A 29 10.65 -0.37 13.82
CA ALA A 29 10.01 -1.17 12.78
C ALA A 29 8.83 -0.40 12.20
N PHE A 30 8.02 0.19 13.06
CA PHE A 30 6.86 0.95 12.61
C PHE A 30 7.25 2.12 11.73
N SER A 31 8.30 2.85 12.12
CA SER A 31 8.75 4.00 11.34
C SER A 31 9.19 3.57 9.95
N GLN A 32 9.82 2.40 9.87
CA GLN A 32 10.28 1.88 8.57
C GLN A 32 9.07 1.51 7.70
N TYR A 33 8.13 0.75 8.28
CA TYR A 33 6.96 0.35 7.52
C TYR A 33 6.10 1.55 7.11
N LYS A 34 6.18 2.64 7.86
CA LYS A 34 5.40 3.83 7.53
C LYS A 34 5.96 4.46 6.25
N LYS A 35 7.29 4.51 6.14
CA LYS A 35 7.91 5.08 4.94
C LYS A 35 7.52 4.21 3.75
N VAL A 36 7.56 2.90 3.94
CA VAL A 36 7.20 1.95 2.89
C VAL A 36 5.75 2.16 2.47
N GLU A 37 4.88 2.34 3.46
CA GLU A 37 3.46 2.54 3.22
C GLU A 37 3.15 3.73 2.32
N LEU A 38 3.84 4.84 2.56
CA LEU A 38 3.60 6.07 1.80
C LEU A 38 4.20 6.10 0.40
N PHE A 39 5.10 5.17 0.11
CA PHE A 39 5.70 5.14 -1.23
C PHE A 39 4.89 4.19 -2.12
N PRO A 40 4.39 4.68 -3.26
CA PRO A 40 4.51 6.03 -3.83
C PRO A 40 3.18 6.79 -3.84
N ASN A 41 2.16 6.24 -3.19
CA ASN A 41 0.86 6.88 -3.22
C ASN A 41 0.43 7.72 -2.03
N GLY A 42 1.35 7.99 -1.12
CA GLY A 42 1.01 8.79 0.05
C GLY A 42 1.97 9.93 0.30
N GLN A 43 1.55 10.87 1.14
CA GLN A 43 2.35 12.03 1.52
C GLN A 43 1.98 12.42 2.95
N SER A 44 2.98 12.59 3.80
CA SER A 44 2.70 12.99 5.17
C SER A 44 3.18 14.43 5.35
N VAL A 45 2.37 15.23 6.03
CA VAL A 45 2.70 16.63 6.30
C VAL A 45 2.14 16.90 7.69
N GLY A 46 3.02 17.22 8.63
CA GLY A 46 2.56 17.44 9.99
C GLY A 46 1.99 16.12 10.49
N GLU A 47 0.82 16.15 11.11
CA GLU A 47 0.22 14.91 11.61
C GLU A 47 -0.81 14.35 10.63
N LYS A 48 -0.87 14.94 9.43
CA LYS A 48 -1.81 14.52 8.41
C LYS A 48 -1.17 13.63 7.34
N ILE A 49 -1.95 12.71 6.80
CA ILE A 49 -1.47 11.83 5.76
C ILE A 49 -2.43 11.84 4.58
N PHE A 50 -1.91 12.12 3.39
CA PHE A 50 -2.70 12.11 2.18
C PHE A 50 -2.38 10.80 1.48
N LYS A 51 -3.39 10.16 0.90
CA LYS A 51 -3.14 8.93 0.16
C LYS A 51 -4.12 8.87 -0.99
N THR A 52 -3.60 8.64 -2.19
CA THR A 52 -4.46 8.57 -3.36
C THR A 52 -4.83 7.11 -3.65
N ALA A 53 -6.04 6.93 -4.16
CA ALA A 53 -6.55 5.61 -4.52
C ALA A 53 -5.96 5.22 -5.87
N GLY A 54 -5.40 6.19 -6.58
CA GLY A 54 -4.82 5.92 -7.87
C GLY A 54 -5.78 5.90 -9.05
N PHE A 55 -7.05 6.21 -8.79
CA PHE A 55 -8.05 6.24 -9.87
C PHE A 55 -9.00 7.42 -9.69
N VAL A 56 -9.78 7.72 -10.72
CA VAL A 56 -10.71 8.84 -10.66
C VAL A 56 -12.15 8.41 -10.40
N LYS A 57 -12.93 9.31 -9.79
CA LYS A 57 -14.33 9.06 -9.47
C LYS A 57 -15.05 10.41 -9.34
N PRO A 58 -16.38 10.41 -9.48
CA PRO A 58 -17.12 11.66 -9.35
C PRO A 58 -17.04 12.02 -7.86
N PHE A 59 -17.32 13.28 -7.52
CA PHE A 59 -17.24 13.73 -6.12
C PHE A 59 -17.95 12.85 -5.10
N THR A 60 -19.25 12.62 -5.29
CA THR A 60 -20.01 11.83 -4.33
C THR A 60 -19.39 10.47 -4.04
N GLU A 61 -18.95 9.77 -5.08
CA GLU A 61 -18.34 8.45 -4.90
C GLU A 61 -16.98 8.55 -4.22
N ALA A 62 -16.21 9.59 -4.56
CA ALA A 62 -14.89 9.79 -3.96
C ALA A 62 -15.04 10.12 -2.48
N GLN A 63 -16.02 10.96 -2.16
CA GLN A 63 -16.28 11.37 -0.79
C GLN A 63 -16.66 10.14 0.06
N LEU A 64 -17.50 9.28 -0.51
CA LEU A 64 -17.94 8.08 0.20
C LEU A 64 -16.77 7.13 0.43
N LEU A 65 -15.90 6.99 -0.55
CA LEU A 65 -14.74 6.11 -0.40
C LEU A 65 -13.89 6.56 0.80
N CYS A 66 -13.62 7.86 0.89
CA CYS A 66 -12.81 8.37 1.99
C CYS A 66 -13.49 8.21 3.34
N THR A 67 -14.77 8.56 3.41
CA THR A 67 -15.49 8.45 4.67
C THR A 67 -15.58 7.01 5.13
N GLN A 68 -15.86 6.09 4.21
CA GLN A 68 -15.94 4.68 4.57
C GLN A 68 -14.59 4.14 5.03
N ALA A 69 -13.52 4.81 4.59
CA ALA A 69 -12.16 4.40 4.95
C ALA A 69 -11.73 5.01 6.28
N GLY A 70 -12.62 5.79 6.90
CA GLY A 70 -12.28 6.41 8.17
C GLY A 70 -11.59 7.75 8.05
N GLY A 71 -11.59 8.33 6.86
CA GLY A 71 -10.97 9.62 6.67
C GLY A 71 -11.93 10.54 5.94
N GLN A 72 -11.39 11.44 5.13
CA GLN A 72 -12.22 12.34 4.34
C GLN A 72 -11.42 12.80 3.13
N LEU A 73 -12.07 13.48 2.18
CA LEU A 73 -11.37 13.95 1.01
C LEU A 73 -10.30 14.97 1.42
N ALA A 74 -9.22 15.03 0.65
CA ALA A 74 -8.13 15.94 0.94
C ALA A 74 -8.64 17.34 1.26
N SER A 75 -8.17 17.87 2.38
CA SER A 75 -8.59 19.19 2.86
C SER A 75 -7.38 20.01 3.30
N PRO A 76 -6.59 20.50 2.34
CA PRO A 76 -5.40 21.29 2.70
C PRO A 76 -5.80 22.56 3.45
N ARG A 77 -5.25 22.74 4.63
CA ARG A 77 -5.57 23.89 5.46
C ARG A 77 -4.40 24.87 5.59
N SER A 78 -3.37 24.68 4.78
CA SER A 78 -2.20 25.55 4.81
C SER A 78 -1.38 25.37 3.55
N ALA A 79 -0.43 26.28 3.34
CA ALA A 79 0.43 26.22 2.17
C ALA A 79 1.23 24.92 2.18
N ALA A 80 1.68 24.51 3.36
CA ALA A 80 2.45 23.29 3.51
C ALA A 80 1.64 22.06 3.12
N GLU A 81 0.41 21.96 3.61
CA GLU A 81 -0.42 20.82 3.28
C GLU A 81 -0.76 20.81 1.79
N ASN A 82 -0.98 22.00 1.23
CA ASN A 82 -1.32 22.09 -0.19
C ASN A 82 -0.15 21.59 -1.04
N ALA A 83 1.07 21.92 -0.62
CA ALA A 83 2.26 21.52 -1.36
C ALA A 83 2.42 20.01 -1.33
N ALA A 84 2.17 19.40 -0.16
CA ALA A 84 2.30 17.95 -0.03
C ALA A 84 1.28 17.27 -0.93
N LEU A 85 0.05 17.78 -0.92
CA LEU A 85 -1.01 17.22 -1.76
C LEU A 85 -0.65 17.40 -3.22
N GLN A 86 -0.05 18.55 -3.53
CA GLN A 86 0.35 18.87 -4.89
C GLN A 86 1.34 17.83 -5.42
N GLN A 87 2.19 17.34 -4.53
CA GLN A 87 3.20 16.34 -4.91
C GLN A 87 2.54 15.08 -5.47
N LEU A 88 1.44 14.66 -4.85
CA LEU A 88 0.72 13.46 -5.31
C LEU A 88 0.04 13.69 -6.63
N VAL A 89 -0.59 14.86 -6.77
CA VAL A 89 -1.29 15.20 -8.00
C VAL A 89 -0.28 15.26 -9.15
N VAL A 90 0.89 15.82 -8.89
CA VAL A 90 1.94 15.92 -9.90
C VAL A 90 2.44 14.54 -10.28
N ALA A 91 2.69 13.71 -9.27
CA ALA A 91 3.17 12.34 -9.50
C ALA A 91 2.19 11.49 -10.29
N LYS A 92 0.89 11.68 -10.03
CA LYS A 92 -0.14 10.92 -10.73
C LYS A 92 -0.54 11.64 -12.02
N ASN A 93 -0.16 12.90 -12.12
CA ASN A 93 -0.48 13.73 -13.28
C ASN A 93 -1.99 13.75 -13.53
N GLU A 94 -2.75 13.89 -12.44
CA GLU A 94 -4.21 13.92 -12.51
C GLU A 94 -4.76 14.87 -11.45
N ALA A 95 -5.55 15.85 -11.89
CA ALA A 95 -6.15 16.82 -10.97
C ALA A 95 -7.02 16.03 -9.99
N ALA A 96 -7.06 16.48 -8.74
CA ALA A 96 -7.84 15.78 -7.71
C ALA A 96 -8.90 16.64 -7.03
N PHE A 97 -9.93 15.99 -6.51
CA PHE A 97 -11.00 16.67 -5.78
C PHE A 97 -10.57 16.96 -4.36
N LEU A 98 -11.05 18.08 -3.83
CA LEU A 98 -10.79 18.44 -2.44
C LEU A 98 -12.15 18.14 -1.79
N SER A 99 -12.24 18.27 -0.48
CA SER A 99 -13.47 17.96 0.24
C SER A 99 -14.50 19.08 0.27
N MET A 100 -14.06 20.30 0.00
CA MET A 100 -14.92 21.48 0.09
C MET A 100 -15.90 21.74 -1.06
N THR A 101 -17.07 22.25 -0.70
CA THR A 101 -18.11 22.57 -1.68
C THR A 101 -18.89 23.80 -1.23
N ASP A 102 -19.61 24.42 -2.16
CA ASP A 102 -20.44 25.56 -1.82
C ASP A 102 -21.86 25.22 -2.26
N SER A 103 -22.21 23.95 -2.05
CA SER A 103 -23.52 23.42 -2.41
C SER A 103 -24.64 24.02 -1.55
N LYS A 104 -24.32 24.32 -0.29
CA LYS A 104 -25.31 24.89 0.62
C LYS A 104 -25.57 26.36 0.32
N THR A 105 -24.50 27.12 0.18
CA THR A 105 -24.60 28.54 -0.11
C THR A 105 -23.64 28.87 -1.25
N GLU A 106 -24.21 29.02 -2.45
CA GLU A 106 -23.43 29.33 -3.64
C GLU A 106 -22.43 30.44 -3.33
N GLY A 107 -21.17 30.20 -3.68
CA GLY A 107 -20.13 31.19 -3.45
C GLY A 107 -19.40 31.05 -2.13
N LYS A 108 -19.96 30.27 -1.22
CA LYS A 108 -19.34 30.06 0.09
C LYS A 108 -18.90 28.61 0.27
N PHE A 109 -17.61 28.35 0.06
CA PHE A 109 -17.07 27.00 0.20
C PHE A 109 -16.77 26.64 1.64
N THR A 110 -17.11 25.41 2.00
CA THR A 110 -16.91 24.93 3.36
C THR A 110 -16.39 23.49 3.39
N TYR A 111 -15.83 23.12 4.53
CA TYR A 111 -15.35 21.77 4.74
C TYR A 111 -16.60 20.94 5.03
N PRO A 112 -16.48 19.60 5.02
CA PRO A 112 -17.63 18.73 5.29
C PRO A 112 -18.38 19.08 6.58
N THR A 113 -17.68 19.66 7.54
CA THR A 113 -18.29 20.03 8.81
C THR A 113 -19.16 21.29 8.74
N GLY A 114 -18.96 22.09 7.69
CA GLY A 114 -19.73 23.30 7.54
C GLY A 114 -18.90 24.54 7.83
N GLU A 115 -17.71 24.32 8.36
CA GLU A 115 -16.78 25.40 8.69
C GLU A 115 -16.28 26.09 7.42
N SER A 116 -16.09 27.40 7.49
CA SER A 116 -15.59 28.18 6.35
C SER A 116 -14.11 27.91 6.15
N LEU A 117 -13.63 28.13 4.92
CA LEU A 117 -12.22 27.90 4.61
C LEU A 117 -11.28 28.74 5.47
N VAL A 118 -10.16 28.14 5.86
CA VAL A 118 -9.15 28.84 6.66
C VAL A 118 -7.92 29.02 5.78
N TYR A 119 -8.02 28.53 4.56
CA TYR A 119 -6.95 28.60 3.57
C TYR A 119 -7.51 28.31 2.19
N SER A 120 -6.99 29.01 1.18
CA SER A 120 -7.44 28.79 -0.19
C SER A 120 -6.27 29.08 -1.13
N ASN A 121 -6.31 28.50 -2.32
CA ASN A 121 -5.25 28.72 -3.31
C ASN A 121 -5.87 28.73 -4.70
N TRP A 122 -6.93 29.51 -4.85
CA TRP A 122 -7.65 29.63 -6.12
C TRP A 122 -6.78 30.12 -7.26
N ALA A 123 -6.96 29.51 -8.43
CA ALA A 123 -6.22 29.93 -9.60
C ALA A 123 -6.81 31.27 -10.02
N PRO A 124 -6.09 32.05 -10.82
CA PRO A 124 -6.63 33.35 -11.25
C PRO A 124 -8.01 33.22 -11.89
N GLY A 125 -8.94 34.07 -11.46
CA GLY A 125 -10.28 34.03 -12.02
C GLY A 125 -11.21 33.00 -11.39
N GLU A 126 -10.71 32.26 -10.40
CA GLU A 126 -11.51 31.24 -9.73
C GLU A 126 -11.83 31.67 -8.31
N PRO A 127 -12.94 31.18 -7.74
CA PRO A 127 -13.91 30.26 -8.35
C PRO A 127 -14.89 31.09 -9.18
N ASN A 128 -15.33 30.56 -10.32
CA ASN A 128 -16.24 31.32 -11.18
C ASN A 128 -17.60 30.68 -11.43
N ASP A 129 -17.86 29.55 -10.78
CA ASP A 129 -19.11 28.83 -10.94
C ASP A 129 -19.46 28.83 -12.42
N ASP A 130 -18.48 28.44 -13.24
CA ASP A 130 -18.66 28.41 -14.68
C ASP A 130 -19.75 27.44 -15.11
N GLY A 131 -20.65 27.92 -15.95
CA GLY A 131 -21.74 27.09 -16.42
C GLY A 131 -22.94 27.20 -15.48
N GLY A 132 -22.72 27.85 -14.33
CA GLY A 132 -23.78 28.01 -13.37
C GLY A 132 -23.93 26.84 -12.42
N SER A 133 -22.98 25.91 -12.44
CA SER A 133 -23.08 24.74 -11.56
C SER A 133 -21.75 24.04 -11.25
N GLU A 134 -20.83 24.75 -10.61
CA GLU A 134 -19.56 24.16 -10.22
C GLU A 134 -19.45 24.34 -8.71
N ASP A 135 -19.86 23.32 -7.97
CA ASP A 135 -19.84 23.39 -6.51
C ASP A 135 -18.75 22.59 -5.82
N CYS A 136 -17.93 21.89 -6.59
CA CYS A 136 -16.85 21.13 -6.00
C CYS A 136 -15.52 21.81 -6.34
N VAL A 137 -14.43 21.33 -5.77
CA VAL A 137 -13.12 21.92 -6.00
C VAL A 137 -12.06 20.89 -6.39
N GLU A 138 -11.23 21.26 -7.36
CA GLU A 138 -10.16 20.39 -7.82
C GLU A 138 -8.84 21.13 -7.66
N ILE A 139 -7.76 20.38 -7.48
CA ILE A 139 -6.44 20.97 -7.35
C ILE A 139 -5.62 20.50 -8.55
N PHE A 140 -5.03 21.45 -9.27
CA PHE A 140 -4.23 21.14 -10.46
C PHE A 140 -2.83 20.68 -10.11
N THR A 141 -2.09 20.22 -11.12
CA THR A 141 -0.73 19.78 -10.91
C THR A 141 0.14 20.95 -10.45
N ASN A 142 -0.31 22.18 -10.72
CA ASN A 142 0.45 23.36 -10.30
C ASN A 142 0.04 23.78 -8.89
N GLY A 143 -0.81 22.98 -8.26
CA GLY A 143 -1.25 23.29 -6.91
C GLY A 143 -2.39 24.27 -6.76
N LYS A 144 -2.77 24.94 -7.85
CA LYS A 144 -3.85 25.91 -7.80
C LYS A 144 -5.23 25.25 -7.79
N TRP A 145 -6.20 25.94 -7.20
CA TRP A 145 -7.57 25.44 -7.10
C TRP A 145 -8.52 25.98 -8.15
N ASN A 146 -9.53 25.19 -8.47
CA ASN A 146 -10.54 25.57 -9.45
C ASN A 146 -11.87 24.93 -9.05
N ASP A 147 -12.95 25.70 -9.03
CA ASP A 147 -14.23 25.07 -8.70
C ASP A 147 -14.63 24.28 -9.94
N ARG A 148 -15.12 23.07 -9.72
CA ARG A 148 -15.46 22.15 -10.79
C ARG A 148 -16.79 21.45 -10.55
N ALA A 149 -17.47 21.07 -11.63
CA ALA A 149 -18.75 20.37 -11.51
C ALA A 149 -18.52 19.05 -10.76
N CYS A 150 -19.28 18.85 -9.69
CA CYS A 150 -19.15 17.65 -8.87
C CYS A 150 -19.34 16.34 -9.62
N GLY A 151 -20.01 16.40 -10.76
CA GLY A 151 -20.25 15.21 -11.55
C GLY A 151 -19.05 14.74 -12.35
N GLU A 152 -18.04 15.61 -12.49
CA GLU A 152 -16.84 15.25 -13.23
C GLU A 152 -16.02 14.25 -12.43
N LYS A 153 -15.17 13.49 -13.11
CA LYS A 153 -14.34 12.50 -12.45
C LYS A 153 -12.93 13.02 -12.25
N ARG A 154 -12.47 12.98 -11.00
CA ARG A 154 -11.13 13.46 -10.66
C ARG A 154 -10.44 12.46 -9.74
N LEU A 155 -9.11 12.56 -9.65
CA LEU A 155 -8.32 11.68 -8.81
C LEU A 155 -8.83 11.67 -7.38
N VAL A 156 -8.96 10.48 -6.81
CA VAL A 156 -9.43 10.34 -5.44
C VAL A 156 -8.24 10.36 -4.48
N VAL A 157 -8.19 11.39 -3.63
CA VAL A 157 -7.13 11.51 -2.63
C VAL A 157 -7.80 11.76 -1.29
N CYS A 158 -7.53 10.90 -0.31
CA CYS A 158 -8.12 11.05 1.01
C CYS A 158 -7.06 11.51 2.00
N GLU A 159 -7.49 12.05 3.13
CA GLU A 159 -6.56 12.45 4.16
C GLU A 159 -6.96 11.69 5.43
N PHE A 160 -5.96 11.34 6.23
CA PHE A 160 -6.15 10.59 7.46
C PHE A 160 -5.37 11.24 8.59
N VAL B 9 5.30 2.69 44.48
CA VAL B 9 4.40 1.72 45.17
C VAL B 9 3.84 0.70 44.19
N ALA B 10 2.74 0.06 44.57
CA ALA B 10 2.09 -0.93 43.72
C ALA B 10 1.50 -0.26 42.48
N SER B 11 1.28 1.05 42.58
CA SER B 11 0.72 1.82 41.46
C SER B 11 1.58 1.66 40.21
N LEU B 12 2.90 1.77 40.38
CA LEU B 12 3.81 1.62 39.26
C LEU B 12 3.72 0.22 38.68
N ARG B 13 3.62 -0.78 39.55
CA ARG B 13 3.50 -2.17 39.13
C ARG B 13 2.31 -2.33 38.19
N GLN B 14 1.15 -1.83 38.62
CA GLN B 14 -0.06 -1.93 37.83
C GLN B 14 0.10 -1.27 36.47
N GLN B 15 0.82 -0.14 36.44
CA GLN B 15 1.06 0.58 35.20
C GLN B 15 1.95 -0.22 34.26
N VAL B 16 2.94 -0.91 34.82
CA VAL B 16 3.84 -1.72 34.01
C VAL B 16 3.07 -2.89 33.43
N GLU B 17 2.19 -3.48 34.23
CA GLU B 17 1.38 -4.60 33.77
C GLU B 17 0.47 -4.14 32.63
N ALA B 18 -0.04 -2.92 32.77
CA ALA B 18 -0.93 -2.35 31.75
C ALA B 18 -0.15 -2.11 30.46
N LEU B 19 1.05 -1.57 30.59
CA LEU B 19 1.90 -1.30 29.43
C LEU B 19 2.21 -2.60 28.67
N GLN B 20 2.45 -3.67 29.42
CA GLN B 20 2.77 -4.96 28.80
C GLN B 20 1.61 -5.43 27.93
N GLY B 21 0.39 -5.22 28.40
CA GLY B 21 -0.78 -5.63 27.64
C GLY B 21 -0.97 -4.82 26.36
N GLN B 22 -0.72 -3.53 26.45
CA GLN B 22 -0.88 -2.65 25.28
C GLN B 22 0.19 -2.96 24.24
N VAL B 23 1.40 -3.22 24.72
CA VAL B 23 2.51 -3.52 23.82
C VAL B 23 2.29 -4.84 23.10
N GLN B 24 1.77 -5.85 23.80
CA GLN B 24 1.52 -7.14 23.16
C GLN B 24 0.47 -6.99 22.06
N HIS B 25 -0.53 -6.15 22.30
CA HIS B 25 -1.57 -5.93 21.30
C HIS B 25 -0.97 -5.26 20.07
N LEU B 26 -0.15 -4.24 20.28
CA LEU B 26 0.49 -3.54 19.17
C LEU B 26 1.38 -4.48 18.37
N GLN B 27 2.15 -5.31 19.05
CA GLN B 27 3.04 -6.24 18.37
C GLN B 27 2.28 -7.23 17.50
N ALA B 28 1.19 -7.79 18.04
CA ALA B 28 0.39 -8.75 17.30
C ALA B 28 -0.28 -8.06 16.11
N ALA B 29 -0.88 -6.89 16.36
CA ALA B 29 -1.57 -6.15 15.31
C ALA B 29 -0.59 -5.73 14.22
N PHE B 30 0.58 -5.26 14.63
CA PHE B 30 1.59 -4.81 13.68
C PHE B 30 2.14 -5.97 12.87
N SER B 31 2.29 -7.14 13.50
CA SER B 31 2.81 -8.31 12.81
C SER B 31 1.90 -8.64 11.62
N GLN B 32 0.60 -8.51 11.83
CA GLN B 32 -0.36 -8.79 10.78
C GLN B 32 -0.29 -7.74 9.67
N TYR B 33 -0.25 -6.47 10.07
CA TYR B 33 -0.20 -5.41 9.07
C TYR B 33 1.07 -5.38 8.23
N LYS B 34 2.18 -5.91 8.76
CA LYS B 34 3.41 -5.95 7.97
C LYS B 34 3.17 -6.82 6.74
N LYS B 35 2.53 -7.97 6.94
CA LYS B 35 2.25 -8.88 5.82
C LYS B 35 1.28 -8.24 4.84
N VAL B 36 0.23 -7.63 5.38
CA VAL B 36 -0.76 -6.96 4.54
C VAL B 36 -0.12 -5.87 3.69
N GLU B 37 0.69 -5.03 4.34
CA GLU B 37 1.34 -3.93 3.63
C GLU B 37 2.24 -4.36 2.49
N LEU B 38 3.03 -5.40 2.70
CA LEU B 38 3.97 -5.84 1.67
C LEU B 38 3.33 -6.57 0.50
N PHE B 39 2.07 -6.98 0.66
CA PHE B 39 1.37 -7.66 -0.42
C PHE B 39 0.70 -6.60 -1.29
N PRO B 40 0.98 -6.59 -2.60
CA PRO B 40 1.86 -7.46 -3.39
C PRO B 40 3.11 -6.74 -3.91
N ASN B 41 3.29 -5.48 -3.56
CA ASN B 41 4.41 -4.71 -4.07
C ASN B 41 5.67 -4.58 -3.22
N GLY B 42 5.74 -5.33 -2.12
CA GLY B 42 6.91 -5.26 -1.27
C GLY B 42 7.52 -6.61 -0.97
N GLN B 43 8.77 -6.58 -0.51
CA GLN B 43 9.50 -7.79 -0.15
C GLN B 43 10.40 -7.46 1.02
N SER B 44 10.31 -8.26 2.07
CA SER B 44 11.14 -8.06 3.25
C SER B 44 12.26 -9.09 3.21
N VAL B 45 13.47 -8.65 3.51
CA VAL B 45 14.62 -9.55 3.53
C VAL B 45 15.58 -9.02 4.58
N GLY B 46 15.75 -9.78 5.66
CA GLY B 46 16.60 -9.32 6.73
C GLY B 46 15.93 -8.07 7.29
N GLU B 47 16.70 -7.01 7.51
CA GLU B 47 16.15 -5.76 8.03
C GLU B 47 15.81 -4.77 6.92
N LYS B 48 15.90 -5.20 5.67
CA LYS B 48 15.62 -4.34 4.52
C LYS B 48 14.28 -4.64 3.87
N ILE B 49 13.66 -3.61 3.31
CA ILE B 49 12.39 -3.77 2.61
C ILE B 49 12.47 -3.14 1.23
N PHE B 50 12.15 -3.93 0.20
CA PHE B 50 12.11 -3.43 -1.17
C PHE B 50 10.64 -3.14 -1.45
N LYS B 51 10.36 -2.05 -2.14
CA LYS B 51 8.99 -1.67 -2.47
C LYS B 51 9.00 -1.08 -3.89
N THR B 52 8.22 -1.67 -4.78
CA THR B 52 8.17 -1.16 -6.14
C THR B 52 7.01 -0.17 -6.31
N ALA B 53 7.24 0.85 -7.14
CA ALA B 53 6.24 1.86 -7.42
C ALA B 53 5.26 1.33 -8.46
N GLY B 54 5.66 0.27 -9.16
CA GLY B 54 4.79 -0.31 -10.17
C GLY B 54 4.84 0.33 -11.54
N PHE B 55 5.72 1.30 -11.72
CA PHE B 55 5.86 1.96 -13.02
C PHE B 55 7.34 2.19 -13.34
N VAL B 56 7.62 2.62 -14.57
CA VAL B 56 9.01 2.84 -14.99
C VAL B 56 9.36 4.32 -15.10
N LYS B 57 10.63 4.63 -14.84
CA LYS B 57 11.15 5.98 -14.91
C LYS B 57 12.64 5.94 -15.24
N PRO B 58 13.19 7.04 -15.76
CA PRO B 58 14.62 7.08 -16.08
C PRO B 58 15.31 7.09 -14.72
N PHE B 59 16.58 6.73 -14.68
CA PHE B 59 17.34 6.70 -13.42
C PHE B 59 17.23 7.91 -12.50
N THR B 60 17.59 9.09 -13.00
CA THR B 60 17.54 10.29 -12.18
C THR B 60 16.17 10.52 -11.52
N GLU B 61 15.10 10.29 -12.28
CA GLU B 61 13.76 10.47 -11.73
C GLU B 61 13.42 9.38 -10.71
N ALA B 62 13.85 8.16 -10.99
CA ALA B 62 13.62 7.03 -10.09
C ALA B 62 14.36 7.27 -8.78
N GLN B 63 15.59 7.74 -8.89
CA GLN B 63 16.43 8.01 -7.73
C GLN B 63 15.78 9.07 -6.85
N LEU B 64 15.28 10.14 -7.47
CA LEU B 64 14.64 11.22 -6.72
C LEU B 64 13.40 10.72 -5.99
N LEU B 65 12.60 9.88 -6.64
CA LEU B 65 11.40 9.34 -6.02
C LEU B 65 11.76 8.61 -4.73
N CYS B 66 12.79 7.76 -4.79
CA CYS B 66 13.21 7.00 -3.62
C CYS B 66 13.77 7.87 -2.50
N THR B 67 14.64 8.81 -2.85
CA THR B 67 15.23 9.67 -1.83
C THR B 67 14.20 10.57 -1.18
N GLN B 68 13.26 11.09 -1.96
CA GLN B 68 12.22 11.96 -1.41
C GLN B 68 11.29 11.16 -0.49
N ALA B 69 11.22 9.85 -0.72
CA ALA B 69 10.38 8.97 0.08
C ALA B 69 11.09 8.50 1.35
N GLY B 70 12.34 8.94 1.52
CA GLY B 70 13.08 8.55 2.71
C GLY B 70 13.91 7.29 2.57
N GLY B 71 14.08 6.82 1.34
CA GLY B 71 14.87 5.62 1.11
C GLY B 71 15.84 5.86 -0.02
N GLN B 72 16.08 4.85 -0.84
CA GLN B 72 16.97 4.98 -1.99
C GLN B 72 16.69 3.86 -2.97
N LEU B 73 17.26 3.95 -4.16
CA LEU B 73 17.03 2.90 -5.16
C LEU B 73 17.55 1.57 -4.64
N ALA B 74 16.91 0.49 -5.07
CA ALA B 74 17.28 -0.86 -4.67
C ALA B 74 18.78 -1.06 -4.75
N SER B 75 19.38 -1.49 -3.64
CA SER B 75 20.82 -1.72 -3.56
C SER B 75 21.10 -3.09 -2.97
N PRO B 76 20.84 -4.17 -3.73
CA PRO B 76 21.10 -5.52 -3.21
C PRO B 76 22.56 -5.74 -2.86
N ARG B 77 22.82 -6.06 -1.59
CA ARG B 77 24.18 -6.27 -1.10
C ARG B 77 24.50 -7.74 -0.79
N SER B 78 23.65 -8.65 -1.24
CA SER B 78 23.85 -10.07 -1.01
C SER B 78 22.92 -10.85 -1.93
N ALA B 79 23.20 -12.14 -2.09
CA ALA B 79 22.37 -12.99 -2.93
C ALA B 79 20.93 -13.01 -2.43
N ALA B 80 20.75 -13.04 -1.10
CA ALA B 80 19.42 -13.07 -0.51
C ALA B 80 18.64 -11.81 -0.89
N GLU B 81 19.27 -10.65 -0.78
CA GLU B 81 18.61 -9.40 -1.12
C GLU B 81 18.33 -9.36 -2.62
N ASN B 82 19.27 -9.86 -3.42
CA ASN B 82 19.08 -9.84 -4.87
C ASN B 82 17.90 -10.73 -5.26
N ALA B 83 17.75 -11.87 -4.58
CA ALA B 83 16.64 -12.77 -4.87
C ALA B 83 15.31 -12.12 -4.49
N ALA B 84 15.30 -11.38 -3.38
CA ALA B 84 14.09 -10.71 -2.93
C ALA B 84 13.67 -9.67 -3.96
N LEU B 85 14.65 -8.93 -4.44
CA LEU B 85 14.41 -7.90 -5.45
C LEU B 85 13.91 -8.55 -6.73
N GLN B 86 14.53 -9.66 -7.11
CA GLN B 86 14.14 -10.37 -8.33
C GLN B 86 12.66 -10.74 -8.28
N GLN B 87 12.17 -11.09 -7.09
CA GLN B 87 10.75 -11.45 -6.96
C GLN B 87 9.83 -10.35 -7.46
N LEU B 88 10.13 -9.10 -7.12
CA LEU B 88 9.31 -7.97 -7.55
C LEU B 88 9.44 -7.75 -9.06
N VAL B 89 10.66 -7.88 -9.57
CA VAL B 89 10.91 -7.70 -10.99
C VAL B 89 10.13 -8.75 -11.79
N VAL B 90 10.16 -9.98 -11.33
CA VAL B 90 9.45 -11.07 -11.98
C VAL B 90 7.94 -10.83 -11.93
N ALA B 91 7.45 -10.40 -10.77
CA ALA B 91 6.02 -10.14 -10.60
C ALA B 91 5.51 -9.07 -11.56
N LYS B 92 6.30 -8.01 -11.74
CA LYS B 92 5.90 -6.92 -12.62
C LYS B 92 6.38 -7.16 -14.05
N ASN B 93 7.21 -8.19 -14.22
CA ASN B 93 7.78 -8.53 -15.51
C ASN B 93 8.41 -7.30 -16.16
N GLU B 94 9.17 -6.56 -15.35
CA GLU B 94 9.86 -5.35 -15.81
C GLU B 94 11.21 -5.23 -15.11
N ALA B 95 12.29 -5.21 -15.88
CA ALA B 95 13.62 -5.07 -15.31
C ALA B 95 13.64 -3.75 -14.55
N ALA B 96 14.40 -3.69 -13.45
CA ALA B 96 14.46 -2.49 -12.62
C ALA B 96 15.86 -1.91 -12.47
N PHE B 97 15.92 -0.62 -12.14
CA PHE B 97 17.18 0.06 -11.91
C PHE B 97 17.67 -0.22 -10.51
N LEU B 98 18.99 -0.31 -10.36
CA LEU B 98 19.60 -0.48 -9.05
C LEU B 98 20.10 0.91 -8.77
N SER B 99 20.64 1.14 -7.58
CA SER B 99 21.11 2.48 -7.22
C SER B 99 22.52 2.78 -7.71
N MET B 100 23.29 1.72 -7.97
CA MET B 100 24.69 1.85 -8.35
C MET B 100 25.03 2.32 -9.77
N THR B 101 26.08 3.14 -9.86
CA THR B 101 26.53 3.67 -11.14
C THR B 101 28.05 3.81 -11.14
N ASP B 102 28.63 4.00 -12.32
CA ASP B 102 30.06 4.22 -12.43
C ASP B 102 30.20 5.54 -13.20
N SER B 103 29.32 6.48 -12.85
CA SER B 103 29.28 7.80 -13.46
C SER B 103 30.52 8.61 -13.06
N LYS B 104 31.00 8.42 -11.84
CA LYS B 104 32.17 9.14 -11.36
C LYS B 104 33.42 8.66 -12.08
N THR B 105 33.70 7.37 -11.95
CA THR B 105 34.87 6.76 -12.60
C THR B 105 34.45 5.54 -13.40
N GLU B 106 34.53 5.66 -14.73
CA GLU B 106 34.15 4.57 -15.63
C GLU B 106 34.78 3.25 -15.20
N GLY B 107 33.96 2.20 -15.14
CA GLY B 107 34.45 0.89 -14.75
C GLY B 107 34.38 0.62 -13.26
N LYS B 108 34.17 1.67 -12.47
CA LYS B 108 34.08 1.51 -11.02
C LYS B 108 32.68 1.83 -10.51
N PHE B 109 31.87 0.79 -10.32
CA PHE B 109 30.51 0.99 -9.83
C PHE B 109 30.47 1.18 -8.33
N THR B 110 29.71 2.17 -7.89
CA THR B 110 29.60 2.46 -6.46
C THR B 110 28.17 2.69 -6.04
N TYR B 111 27.93 2.58 -4.73
CA TYR B 111 26.61 2.83 -4.16
C TYR B 111 26.50 4.36 -4.09
N PRO B 112 25.32 4.89 -3.75
CA PRO B 112 25.18 6.35 -3.67
C PRO B 112 26.16 7.00 -2.69
N THR B 113 26.62 6.23 -1.70
CA THR B 113 27.56 6.73 -0.70
C THR B 113 28.98 6.86 -1.25
N GLY B 114 29.25 6.15 -2.34
CA GLY B 114 30.58 6.20 -2.95
C GLY B 114 31.35 4.92 -2.68
N GLU B 115 30.79 4.09 -1.81
CA GLU B 115 31.40 2.81 -1.44
C GLU B 115 31.36 1.84 -2.63
N SER B 116 32.41 1.04 -2.79
CA SER B 116 32.48 0.06 -3.86
C SER B 116 31.52 -1.09 -3.55
N LEU B 117 31.11 -1.82 -4.58
CA LEU B 117 30.16 -2.93 -4.42
C LEU B 117 30.68 -4.04 -3.50
N VAL B 118 29.79 -4.60 -2.70
CA VAL B 118 30.14 -5.69 -1.80
C VAL B 118 29.53 -6.99 -2.32
N TYR B 119 28.77 -6.87 -3.42
CA TYR B 119 28.10 -8.00 -4.07
C TYR B 119 27.72 -7.56 -5.48
N SER B 120 27.74 -8.51 -6.42
CA SER B 120 27.33 -8.23 -7.79
C SER B 120 26.85 -9.53 -8.43
N ASN B 121 25.96 -9.40 -9.41
CA ASN B 121 25.44 -10.57 -10.10
C ASN B 121 25.36 -10.28 -11.60
N TRP B 122 26.48 -9.81 -12.14
CA TRP B 122 26.58 -9.46 -13.55
C TRP B 122 26.35 -10.63 -14.49
N ALA B 123 25.60 -10.38 -15.56
CA ALA B 123 25.36 -11.40 -16.57
C ALA B 123 26.74 -11.52 -17.22
N PRO B 124 27.03 -12.66 -17.86
CA PRO B 124 28.35 -12.84 -18.49
C PRO B 124 28.65 -11.72 -19.49
N GLY B 125 29.86 -11.15 -19.38
CA GLY B 125 30.26 -10.10 -20.29
C GLY B 125 29.94 -8.69 -19.82
N GLU B 126 29.14 -8.58 -18.76
CA GLU B 126 28.77 -7.28 -18.22
C GLU B 126 29.58 -6.95 -16.96
N PRO B 127 29.80 -5.66 -16.68
CA PRO B 127 29.34 -4.51 -17.46
C PRO B 127 30.20 -4.33 -18.70
N ASN B 128 29.60 -3.89 -19.81
CA ASN B 128 30.36 -3.69 -21.04
C ASN B 128 30.31 -2.26 -21.57
N ASP B 129 29.72 -1.36 -20.79
CA ASP B 129 29.61 0.05 -21.17
C ASP B 129 29.29 0.16 -22.66
N ASP B 130 28.27 -0.57 -23.09
CA ASP B 130 27.88 -0.58 -24.49
C ASP B 130 27.68 0.81 -25.09
N GLY B 131 28.27 1.01 -26.27
CA GLY B 131 28.16 2.29 -26.95
C GLY B 131 28.93 3.36 -26.19
N GLY B 132 29.69 2.92 -25.19
CA GLY B 132 30.46 3.83 -24.37
C GLY B 132 29.57 4.75 -23.55
N SER B 133 28.34 4.33 -23.26
CA SER B 133 27.43 5.18 -22.49
C SER B 133 26.45 4.49 -21.56
N GLU B 134 26.90 3.50 -20.81
CA GLU B 134 26.03 2.81 -19.87
C GLU B 134 26.61 2.91 -18.47
N ASP B 135 26.08 3.83 -17.67
CA ASP B 135 26.59 4.02 -16.32
C ASP B 135 25.66 3.58 -15.21
N CYS B 136 24.46 3.13 -15.58
CA CYS B 136 23.50 2.66 -14.59
C CYS B 136 23.40 1.14 -14.67
N VAL B 137 22.67 0.55 -13.74
CA VAL B 137 22.52 -0.90 -13.69
C VAL B 137 21.07 -1.35 -13.62
N GLU B 138 20.73 -2.38 -14.38
CA GLU B 138 19.38 -2.93 -14.36
C GLU B 138 19.49 -4.39 -13.94
N ILE B 139 18.44 -4.90 -13.31
CA ILE B 139 18.39 -6.30 -12.91
C ILE B 139 17.28 -6.93 -13.74
N PHE B 140 17.59 -8.04 -14.40
CA PHE B 140 16.63 -8.74 -15.25
C PHE B 140 15.71 -9.66 -14.45
N THR B 141 14.71 -10.21 -15.13
CA THR B 141 13.78 -11.13 -14.47
C THR B 141 14.51 -12.39 -14.01
N ASN B 142 15.67 -12.68 -14.61
CA ASN B 142 16.42 -13.86 -14.19
C ASN B 142 17.40 -13.51 -13.05
N GLY B 143 17.29 -12.29 -12.55
CA GLY B 143 18.13 -11.84 -11.46
C GLY B 143 19.52 -11.35 -11.80
N LYS B 144 19.93 -11.50 -13.06
CA LYS B 144 21.27 -11.04 -13.45
C LYS B 144 21.29 -9.54 -13.71
N TRP B 145 22.47 -8.95 -13.57
CA TRP B 145 22.65 -7.52 -13.77
C TRP B 145 23.26 -7.18 -15.12
N ASN B 146 22.94 -5.99 -15.59
CA ASN B 146 23.46 -5.48 -16.86
C ASN B 146 23.61 -3.98 -16.75
N ASP B 147 24.75 -3.42 -17.12
CA ASP B 147 24.86 -1.97 -17.06
C ASP B 147 24.03 -1.44 -18.22
N ARG B 148 23.32 -0.35 -17.96
CA ARG B 148 22.41 0.21 -18.95
C ARG B 148 22.42 1.73 -18.95
N ALA B 149 22.10 2.33 -20.10
CA ALA B 149 22.08 3.78 -20.18
C ALA B 149 21.07 4.31 -19.16
N CYS B 150 21.51 5.27 -18.36
CA CYS B 150 20.69 5.86 -17.32
C CYS B 150 19.44 6.57 -17.84
N GLY B 151 19.46 6.93 -19.12
CA GLY B 151 18.34 7.61 -19.72
C GLY B 151 17.18 6.71 -20.06
N GLU B 152 17.42 5.40 -20.02
CA GLU B 152 16.37 4.43 -20.32
C GLU B 152 15.41 4.37 -19.14
N LYS B 153 14.20 3.87 -19.40
CA LYS B 153 13.18 3.77 -18.36
C LYS B 153 13.08 2.34 -17.85
N ARG B 154 13.19 2.20 -16.53
CA ARG B 154 13.11 0.88 -15.91
C ARG B 154 12.22 0.93 -14.67
N LEU B 155 11.77 -0.24 -14.23
CA LEU B 155 10.90 -0.33 -13.05
C LEU B 155 11.53 0.36 -11.85
N VAL B 156 10.74 1.17 -11.15
CA VAL B 156 11.22 1.88 -9.98
C VAL B 156 11.01 1.01 -8.73
N VAL B 157 12.11 0.65 -8.07
CA VAL B 157 12.05 -0.14 -6.85
C VAL B 157 12.97 0.51 -5.84
N CYS B 158 12.42 0.92 -4.70
CA CYS B 158 13.21 1.56 -3.65
C CYS B 158 13.43 0.60 -2.50
N GLU B 159 14.40 0.91 -1.65
CA GLU B 159 14.66 0.09 -0.48
C GLU B 159 14.55 1.00 0.74
N PHE B 160 14.02 0.46 1.82
CA PHE B 160 13.81 1.19 3.06
C PHE B 160 14.32 0.34 4.22
N SER C 11 12.66 7.28 40.96
CA SER C 11 13.03 7.64 39.56
C SER C 11 12.38 6.69 38.56
N LEU C 12 11.97 5.52 39.05
CA LEU C 12 11.32 4.53 38.21
C LEU C 12 10.01 5.09 37.66
N ARG C 13 9.40 6.00 38.41
CA ARG C 13 8.15 6.62 38.00
C ARG C 13 8.35 7.43 36.72
N GLN C 14 9.43 8.21 36.68
CA GLN C 14 9.73 9.03 35.52
C GLN C 14 10.11 8.15 34.33
N GLN C 15 10.59 6.95 34.63
CA GLN C 15 10.99 6.00 33.60
C GLN C 15 9.74 5.38 32.97
N VAL C 16 8.77 5.03 33.82
CA VAL C 16 7.52 4.45 33.35
C VAL C 16 6.72 5.51 32.62
N GLU C 17 6.75 6.73 33.16
CA GLU C 17 6.03 7.85 32.58
C GLU C 17 6.48 8.12 31.14
N ALA C 18 7.77 7.95 30.88
CA ALA C 18 8.32 8.16 29.54
C ALA C 18 7.85 7.05 28.61
N LEU C 19 7.80 5.83 29.13
CA LEU C 19 7.36 4.68 28.35
C LEU C 19 5.89 4.79 28.00
N GLN C 20 5.09 5.29 28.94
CA GLN C 20 3.66 5.45 28.72
C GLN C 20 3.45 6.41 27.56
N GLY C 21 4.23 7.49 27.54
CA GLY C 21 4.12 8.47 26.49
C GLY C 21 4.39 7.88 25.12
N GLN C 22 5.40 7.02 25.04
CA GLN C 22 5.75 6.38 23.77
C GLN C 22 4.67 5.41 23.32
N VAL C 23 4.15 4.62 24.24
CA VAL C 23 3.11 3.64 23.91
C VAL C 23 1.83 4.32 23.44
N GLN C 24 1.42 5.37 24.14
CA GLN C 24 0.20 6.08 23.76
C GLN C 24 0.36 6.70 22.38
N HIS C 25 1.53 7.25 22.09
CA HIS C 25 1.74 7.86 20.79
C HIS C 25 1.73 6.77 19.72
N LEU C 26 2.34 5.63 20.01
CA LEU C 26 2.35 4.53 19.06
C LEU C 26 0.94 4.04 18.73
N GLN C 27 0.09 3.94 19.75
CA GLN C 27 -1.27 3.49 19.52
C GLN C 27 -1.99 4.42 18.56
N ALA C 28 -1.80 5.72 18.74
CA ALA C 28 -2.44 6.71 17.88
C ALA C 28 -1.86 6.64 16.47
N ALA C 29 -0.53 6.60 16.38
CA ALA C 29 0.12 6.53 15.07
C ALA C 29 -0.23 5.26 14.32
N PHE C 30 -0.23 4.12 15.03
CA PHE C 30 -0.55 2.85 14.40
C PHE C 30 -1.99 2.83 13.89
N SER C 31 -2.91 3.35 14.71
CA SER C 31 -4.32 3.39 14.30
C SER C 31 -4.50 4.20 13.02
N GLN C 32 -3.83 5.34 12.93
CA GLN C 32 -3.93 6.18 11.73
C GLN C 32 -3.37 5.40 10.54
N TYR C 33 -2.22 4.77 10.76
CA TYR C 33 -1.56 4.01 9.70
C TYR C 33 -2.41 2.85 9.19
N LYS C 34 -3.16 2.20 10.07
CA LYS C 34 -4.01 1.08 9.64
C LYS C 34 -5.02 1.55 8.60
N LYS C 35 -5.61 2.71 8.85
CA LYS C 35 -6.60 3.25 7.91
C LYS C 35 -5.94 3.53 6.57
N VAL C 36 -4.75 4.11 6.62
CA VAL C 36 -4.01 4.45 5.41
C VAL C 36 -3.72 3.19 4.59
N GLU C 37 -3.25 2.14 5.26
CA GLU C 37 -2.93 0.88 4.58
C GLU C 37 -4.14 0.22 3.90
N LEU C 38 -5.26 0.17 4.61
CA LEU C 38 -6.46 -0.48 4.07
C LEU C 38 -7.11 0.28 2.92
N PHE C 39 -6.80 1.56 2.79
CA PHE C 39 -7.36 2.36 1.71
C PHE C 39 -6.45 2.26 0.50
N PRO C 40 -6.98 1.84 -0.67
CA PRO C 40 -8.37 1.46 -0.94
C PRO C 40 -8.53 -0.04 -1.23
N ASN C 41 -7.47 -0.82 -1.06
CA ASN C 41 -7.53 -2.24 -1.39
C ASN C 41 -7.71 -3.25 -0.26
N GLY C 42 -7.96 -2.78 0.95
CA GLY C 42 -8.14 -3.72 2.05
C GLY C 42 -9.46 -3.59 2.78
N GLN C 43 -9.82 -4.63 3.49
CA GLN C 43 -11.05 -4.66 4.28
C GLN C 43 -10.76 -5.45 5.54
N SER C 44 -11.10 -4.86 6.69
CA SER C 44 -10.88 -5.54 7.96
C SER C 44 -12.24 -5.94 8.52
N VAL C 45 -12.34 -7.19 8.96
CA VAL C 45 -13.57 -7.71 9.52
C VAL C 45 -13.16 -8.64 10.65
N GLY C 46 -13.49 -8.25 11.88
CA GLY C 46 -13.08 -9.07 13.02
C GLY C 46 -11.58 -9.00 13.11
N GLU C 47 -10.92 -10.15 13.23
CA GLU C 47 -9.46 -10.20 13.31
C GLU C 47 -8.85 -10.54 11.96
N LYS C 48 -9.69 -10.55 10.92
CA LYS C 48 -9.22 -10.88 9.58
C LYS C 48 -9.10 -9.67 8.67
N ILE C 49 -8.13 -9.72 7.76
CA ILE C 49 -7.94 -8.63 6.81
C ILE C 49 -7.85 -9.19 5.40
N PHE C 50 -8.69 -8.69 4.51
CA PHE C 50 -8.68 -9.10 3.11
C PHE C 50 -7.95 -7.98 2.36
N LYS C 51 -7.14 -8.34 1.39
CA LYS C 51 -6.46 -7.33 0.59
C LYS C 51 -6.33 -7.83 -0.83
N THR C 52 -6.76 -7.02 -1.78
CA THR C 52 -6.69 -7.41 -3.17
C THR C 52 -5.42 -6.87 -3.81
N ALA C 53 -4.85 -7.66 -4.72
CA ALA C 53 -3.65 -7.25 -5.44
C ALA C 53 -4.04 -6.31 -6.57
N GLY C 54 -5.33 -6.26 -6.87
CA GLY C 54 -5.81 -5.39 -7.93
C GLY C 54 -5.73 -5.96 -9.33
N PHE C 55 -5.23 -7.18 -9.46
CA PHE C 55 -5.12 -7.80 -10.78
C PHE C 55 -5.65 -9.23 -10.76
N VAL C 56 -5.81 -9.83 -11.94
CA VAL C 56 -6.32 -11.19 -12.03
C VAL C 56 -5.24 -12.21 -12.35
N LYS C 57 -5.45 -13.44 -11.88
CA LYS C 57 -4.53 -14.55 -12.10
C LYS C 57 -5.27 -15.87 -12.00
N PRO C 58 -4.71 -16.93 -12.59
CA PRO C 58 -5.39 -18.23 -12.51
C PRO C 58 -5.24 -18.67 -11.06
N PHE C 59 -6.05 -19.62 -10.61
CA PHE C 59 -6.02 -20.09 -9.23
C PHE C 59 -4.64 -20.46 -8.66
N THR C 60 -3.92 -21.36 -9.32
CA THR C 60 -2.63 -21.79 -8.81
C THR C 60 -1.67 -20.62 -8.54
N GLU C 61 -1.62 -19.66 -9.46
CA GLU C 61 -0.74 -18.51 -9.30
C GLU C 61 -1.24 -17.58 -8.21
N ALA C 62 -2.56 -17.41 -8.12
CA ALA C 62 -3.14 -16.55 -7.08
C ALA C 62 -2.84 -17.17 -5.72
N GLN C 63 -3.01 -18.49 -5.62
CA GLN C 63 -2.76 -19.21 -4.38
C GLN C 63 -1.30 -19.06 -3.92
N LEU C 64 -0.38 -19.17 -4.86
CA LEU C 64 1.03 -19.05 -4.54
C LEU C 64 1.37 -17.65 -4.04
N LEU C 65 0.79 -16.63 -4.68
CA LEU C 65 1.05 -15.25 -4.28
C LEU C 65 0.65 -15.03 -2.83
N CYS C 66 -0.54 -15.51 -2.46
CA CYS C 66 -1.02 -15.37 -1.09
C CYS C 66 -0.14 -16.13 -0.10
N THR C 67 0.18 -17.38 -0.42
CA THR C 67 1.00 -18.19 0.48
C THR C 67 2.41 -17.61 0.67
N GLN C 68 3.01 -17.13 -0.39
CA GLN C 68 4.35 -16.54 -0.30
C GLN C 68 4.31 -15.23 0.46
N ALA C 69 3.14 -14.60 0.51
CA ALA C 69 2.97 -13.34 1.22
C ALA C 69 2.69 -13.59 2.69
N GLY C 70 2.61 -14.85 3.09
CA GLY C 70 2.35 -15.17 4.48
C GLY C 70 0.88 -15.29 4.83
N GLY C 71 0.02 -15.35 3.81
CA GLY C 71 -1.40 -15.48 4.06
C GLY C 71 -1.96 -16.60 3.21
N GLN C 72 -3.20 -16.47 2.79
CA GLN C 72 -3.83 -17.46 1.92
C GLN C 72 -4.96 -16.78 1.16
N LEU C 73 -5.50 -17.46 0.15
CA LEU C 73 -6.58 -16.88 -0.62
C LEU C 73 -7.78 -16.60 0.28
N ALA C 74 -8.55 -15.59 -0.09
CA ALA C 74 -9.74 -15.20 0.68
C ALA C 74 -10.57 -16.42 1.05
N SER C 75 -10.84 -16.57 2.34
CA SER C 75 -11.61 -17.70 2.84
C SER C 75 -12.75 -17.23 3.76
N PRO C 76 -13.77 -16.61 3.19
CA PRO C 76 -14.90 -16.12 4.01
C PRO C 76 -15.55 -17.25 4.80
N ARG C 77 -15.62 -17.09 6.12
CA ARG C 77 -16.20 -18.10 6.99
C ARG C 77 -17.50 -17.69 7.68
N SER C 78 -18.07 -16.57 7.24
CA SER C 78 -19.32 -16.08 7.81
C SER C 78 -19.89 -15.02 6.89
N ALA C 79 -21.16 -14.68 7.10
CA ALA C 79 -21.82 -13.67 6.30
C ALA C 79 -21.08 -12.35 6.40
N ALA C 80 -20.58 -12.05 7.59
CA ALA C 80 -19.84 -10.82 7.84
C ALA C 80 -18.59 -10.77 6.98
N GLU C 81 -17.81 -11.84 7.01
CA GLU C 81 -16.60 -11.88 6.21
C GLU C 81 -16.93 -11.82 4.72
N ASN C 82 -17.97 -12.54 4.30
CA ASN C 82 -18.33 -12.54 2.90
C ASN C 82 -18.69 -11.13 2.42
N ALA C 83 -19.45 -10.40 3.22
CA ALA C 83 -19.83 -9.04 2.86
C ALA C 83 -18.61 -8.13 2.74
N ALA C 84 -17.64 -8.33 3.62
CA ALA C 84 -16.42 -7.53 3.59
C ALA C 84 -15.66 -7.81 2.30
N LEU C 85 -15.52 -9.09 1.96
CA LEU C 85 -14.83 -9.50 0.74
C LEU C 85 -15.59 -8.96 -0.47
N GLN C 86 -16.91 -9.05 -0.42
CA GLN C 86 -17.76 -8.57 -1.50
C GLN C 86 -17.48 -7.11 -1.82
N GLN C 87 -17.22 -6.32 -0.79
CA GLN C 87 -16.93 -4.89 -0.97
C GLN C 87 -15.76 -4.68 -1.92
N LEU C 88 -14.70 -5.48 -1.76
CA LEU C 88 -13.52 -5.36 -2.61
C LEU C 88 -13.83 -5.79 -4.04
N VAL C 89 -14.62 -6.85 -4.16
CA VAL C 89 -15.00 -7.37 -5.46
C VAL C 89 -15.80 -6.30 -6.21
N VAL C 90 -16.75 -5.68 -5.51
CA VAL C 90 -17.58 -4.63 -6.08
C VAL C 90 -16.74 -3.42 -6.48
N ALA C 91 -15.83 -3.03 -5.59
CA ALA C 91 -14.96 -1.88 -5.84
C ALA C 91 -14.12 -2.05 -7.09
N LYS C 92 -13.59 -3.25 -7.29
CA LYS C 92 -12.76 -3.53 -8.46
C LYS C 92 -13.58 -4.05 -9.63
N ASN C 93 -14.86 -4.32 -9.37
CA ASN C 93 -15.77 -4.83 -10.37
C ASN C 93 -15.18 -6.05 -11.08
N GLU C 94 -14.59 -6.94 -10.29
CA GLU C 94 -13.97 -8.16 -10.81
C GLU C 94 -14.23 -9.32 -9.84
N ALA C 95 -14.84 -10.40 -10.32
CA ALA C 95 -15.08 -11.56 -9.48
C ALA C 95 -13.72 -12.07 -8.99
N ALA C 96 -13.67 -12.59 -7.77
CA ALA C 96 -12.41 -13.07 -7.20
C ALA C 96 -12.43 -14.55 -6.83
N PHE C 97 -11.25 -15.15 -6.81
CA PHE C 97 -11.13 -16.56 -6.41
C PHE C 97 -11.15 -16.66 -4.89
N LEU C 98 -11.72 -17.75 -4.40
CA LEU C 98 -11.73 -18.02 -2.97
C LEU C 98 -10.65 -19.11 -2.84
N SER C 99 -10.33 -19.52 -1.63
CA SER C 99 -9.29 -20.53 -1.43
C SER C 99 -9.78 -21.98 -1.55
N MET C 100 -11.09 -22.16 -1.42
CA MET C 100 -11.66 -23.50 -1.42
C MET C 100 -11.81 -24.19 -2.77
N THR C 101 -11.60 -25.51 -2.76
CA THR C 101 -11.72 -26.32 -3.97
C THR C 101 -12.21 -27.73 -3.62
N ASP C 102 -12.66 -28.46 -4.62
CA ASP C 102 -13.10 -29.83 -4.40
C ASP C 102 -12.25 -30.68 -5.35
N SER C 103 -10.99 -30.27 -5.48
CA SER C 103 -10.03 -30.95 -6.35
C SER C 103 -9.71 -32.36 -5.86
N LYS C 104 -9.73 -32.56 -4.54
CA LYS C 104 -9.42 -33.87 -3.97
C LYS C 104 -10.59 -34.83 -4.16
N THR C 105 -11.76 -34.41 -3.72
CA THR C 105 -12.98 -35.22 -3.84
C THR C 105 -14.08 -34.41 -4.50
N GLU C 106 -14.37 -34.74 -5.76
CA GLU C 106 -15.41 -34.04 -6.51
C GLU C 106 -16.70 -33.92 -5.69
N GLY C 107 -17.27 -32.73 -5.67
CA GLY C 107 -18.51 -32.50 -4.94
C GLY C 107 -18.32 -32.15 -3.48
N LYS C 108 -17.07 -32.15 -3.01
CA LYS C 108 -16.78 -31.83 -1.62
C LYS C 108 -15.74 -30.72 -1.55
N PHE C 109 -16.19 -29.49 -1.28
CA PHE C 109 -15.28 -28.36 -1.20
C PHE C 109 -14.68 -28.22 0.20
N THR C 110 -13.38 -27.97 0.24
CA THR C 110 -12.65 -27.83 1.50
C THR C 110 -11.70 -26.64 1.50
N TYR C 111 -11.28 -26.24 2.69
CA TYR C 111 -10.34 -25.14 2.85
C TYR C 111 -8.97 -25.74 2.59
N PRO C 112 -7.94 -24.89 2.43
CA PRO C 112 -6.58 -25.38 2.16
C PRO C 112 -6.10 -26.42 3.17
N THR C 113 -6.67 -26.38 4.38
CA THR C 113 -6.29 -27.33 5.43
C THR C 113 -6.88 -28.71 5.18
N GLY C 114 -8.05 -28.73 4.56
CA GLY C 114 -8.70 -29.99 4.27
C GLY C 114 -10.08 -30.12 4.89
N GLU C 115 -10.37 -29.31 5.90
CA GLU C 115 -11.68 -29.38 6.55
C GLU C 115 -12.78 -28.89 5.62
N SER C 116 -14.00 -29.38 5.84
CA SER C 116 -15.14 -28.99 5.04
C SER C 116 -15.56 -27.57 5.37
N LEU C 117 -16.39 -27.00 4.51
CA LEU C 117 -16.87 -25.62 4.69
C LEU C 117 -17.72 -25.43 5.95
N VAL C 118 -17.49 -24.32 6.65
CA VAL C 118 -18.26 -24.01 7.85
C VAL C 118 -19.26 -22.92 7.48
N TYR C 119 -19.19 -22.47 6.22
CA TYR C 119 -20.06 -21.43 5.70
C TYR C 119 -20.02 -21.48 4.16
N SER C 120 -21.13 -21.09 3.53
CA SER C 120 -21.19 -21.06 2.06
C SER C 120 -22.27 -20.10 1.61
N ASN C 121 -22.11 -19.55 0.41
CA ASN C 121 -23.08 -18.61 -0.13
C ASN C 121 -23.21 -18.83 -1.64
N TRP C 122 -23.49 -20.07 -2.01
CA TRP C 122 -23.63 -20.48 -3.40
C TRP C 122 -24.77 -19.82 -4.15
N ALA C 123 -24.51 -19.41 -5.38
CA ALA C 123 -25.54 -18.81 -6.22
C ALA C 123 -26.48 -19.98 -6.56
N PRO C 124 -27.72 -19.67 -6.94
CA PRO C 124 -28.69 -20.72 -7.28
C PRO C 124 -28.15 -21.76 -8.27
N GLY C 125 -28.31 -23.04 -7.92
CA GLY C 125 -27.85 -24.11 -8.80
C GLY C 125 -26.39 -24.50 -8.69
N GLU C 126 -25.60 -23.70 -7.97
CA GLU C 126 -24.17 -23.97 -7.81
C GLU C 126 -23.89 -24.67 -6.49
N PRO C 127 -22.80 -25.46 -6.41
CA PRO C 127 -21.82 -25.72 -7.48
C PRO C 127 -22.37 -26.75 -8.46
N ASN C 128 -22.02 -26.63 -9.74
CA ASN C 128 -22.54 -27.56 -10.74
C ASN C 128 -21.47 -28.26 -11.58
N ASP C 129 -20.19 -28.08 -11.20
CA ASP C 129 -19.08 -28.71 -11.92
C ASP C 129 -19.31 -28.64 -13.43
N ASP C 130 -19.61 -27.45 -13.95
CA ASP C 130 -19.87 -27.28 -15.37
C ASP C 130 -18.78 -27.87 -16.26
N GLY C 131 -19.20 -28.60 -17.28
CA GLY C 131 -18.26 -29.21 -18.21
C GLY C 131 -17.46 -30.29 -17.51
N GLY C 132 -17.89 -30.63 -16.30
CA GLY C 132 -17.20 -31.64 -15.51
C GLY C 132 -15.80 -31.20 -15.13
N SER C 133 -15.57 -29.88 -15.09
CA SER C 133 -14.24 -29.37 -14.78
C SER C 133 -14.17 -28.05 -14.01
N GLU C 134 -14.96 -27.91 -12.95
CA GLU C 134 -14.92 -26.68 -12.16
C GLU C 134 -14.65 -27.04 -10.71
N ASP C 135 -13.39 -26.92 -10.29
CA ASP C 135 -13.01 -27.27 -8.93
C ASP C 135 -12.64 -26.09 -8.04
N CYS C 136 -12.67 -24.89 -8.60
CA CYS C 136 -12.34 -23.70 -7.84
C CYS C 136 -13.63 -22.89 -7.61
N VAL C 137 -13.54 -21.85 -6.80
CA VAL C 137 -14.71 -21.05 -6.48
C VAL C 137 -14.46 -19.56 -6.65
N GLU C 138 -15.40 -18.87 -7.29
CA GLU C 138 -15.31 -17.44 -7.48
C GLU C 138 -16.46 -16.78 -6.74
N ILE C 139 -16.27 -15.53 -6.31
CA ILE C 139 -17.32 -14.80 -5.62
C ILE C 139 -17.68 -13.64 -6.55
N PHE C 140 -18.98 -13.47 -6.80
CA PHE C 140 -19.46 -12.40 -7.69
C PHE C 140 -19.64 -11.07 -6.96
N THR C 141 -19.94 -10.02 -7.71
CA THR C 141 -20.15 -8.71 -7.13
C THR C 141 -21.39 -8.71 -6.23
N ASN C 142 -22.26 -9.70 -6.40
CA ASN C 142 -23.46 -9.80 -5.58
C ASN C 142 -23.18 -10.65 -4.34
N GLY C 143 -21.92 -11.03 -4.17
CA GLY C 143 -21.52 -11.82 -3.02
C GLY C 143 -21.75 -13.32 -3.12
N LYS C 144 -22.48 -13.76 -4.14
CA LYS C 144 -22.76 -15.19 -4.30
C LYS C 144 -21.56 -15.95 -4.87
N TRP C 145 -21.50 -17.25 -4.59
CA TRP C 145 -20.41 -18.11 -5.04
C TRP C 145 -20.77 -18.97 -6.25
N ASN C 146 -19.76 -19.29 -7.05
CA ASN C 146 -19.95 -20.14 -8.22
C ASN C 146 -18.68 -20.95 -8.43
N ASP C 147 -18.80 -22.27 -8.61
CA ASP C 147 -17.57 -23.02 -8.85
C ASP C 147 -17.14 -22.68 -10.27
N ARG C 148 -15.83 -22.55 -10.47
CA ARG C 148 -15.31 -22.14 -11.77
C ARG C 148 -14.03 -22.90 -12.08
N ALA C 149 -13.70 -23.02 -13.37
CA ALA C 149 -12.49 -23.72 -13.78
C ALA C 149 -11.30 -23.00 -13.16
N CYS C 150 -10.43 -23.74 -12.49
CA CYS C 150 -9.27 -23.15 -11.84
C CYS C 150 -8.32 -22.46 -12.81
N GLY C 151 -8.43 -22.79 -14.09
CA GLY C 151 -7.57 -22.18 -15.10
C GLY C 151 -7.98 -20.79 -15.50
N GLU C 152 -9.20 -20.39 -15.15
CA GLU C 152 -9.69 -19.06 -15.47
C GLU C 152 -8.96 -18.03 -14.61
N LYS C 153 -8.92 -16.80 -15.08
CA LYS C 153 -8.26 -15.72 -14.35
C LYS C 153 -9.29 -14.91 -13.58
N ARG C 154 -9.06 -14.72 -12.28
CA ARG C 154 -9.96 -13.95 -11.44
C ARG C 154 -9.18 -13.05 -10.50
N LEU C 155 -9.85 -12.05 -9.94
CA LEU C 155 -9.22 -11.11 -9.03
C LEU C 155 -8.53 -11.84 -7.87
N VAL C 156 -7.30 -11.43 -7.57
CA VAL C 156 -6.55 -12.03 -6.50
C VAL C 156 -6.81 -11.29 -5.19
N VAL C 157 -7.36 -11.99 -4.22
CA VAL C 157 -7.64 -11.39 -2.91
C VAL C 157 -7.13 -12.36 -1.87
N CYS C 158 -6.22 -11.90 -1.01
CA CYS C 158 -5.67 -12.74 0.03
C CYS C 158 -6.23 -12.31 1.37
N GLU C 159 -6.08 -13.18 2.37
CA GLU C 159 -6.52 -12.83 3.72
C GLU C 159 -5.31 -13.00 4.63
N PHE C 160 -5.26 -12.16 5.66
CA PHE C 160 -4.17 -12.16 6.61
C PHE C 160 -4.73 -12.05 8.04
#